data_7YKO
#
_entry.id   7YKO
#
_cell.length_a   45.660
_cell.length_b   71.600
_cell.length_c   143.220
_cell.angle_alpha   90.000
_cell.angle_beta   90.000
_cell.angle_gamma   90.000
#
_symmetry.space_group_name_H-M   'C 2 2 21'
#
loop_
_entity.id
_entity.type
_entity.pdbx_description
1 polymer 'Triacylglycerol lipase'
2 non-polymer pentane-1,5-diol
3 water water
#
_entity_poly.entity_id   1
_entity_poly.type   'polypeptide(L)'
_entity_poly.pdbx_seq_one_letter_code
;ANPYQRGPDPTESLLRAARGPFAVSEQSVSRLSVSGFGGGRIYYPTTTSQGTFGAIAISPGFTASWSSLAWLGPRLASHG
FVVIGIETNTRLDQPDSRGRQLLAALDYLTQRSSVRNRVDASRLAVAGHSMGGGGTLEAAKSRTSLKAAIPIAPWNLDKT
WPEVRTPTLIIGGELDSIAPVATHSIPFYNSLTNAREKAYLELNNASHFFPQFSNDTMAKFMISWMKRFIDDDTRYDQFL
CPPPRAIGDISDYRDTCPHT
;
_entity_poly.pdbx_strand_id   A
#
loop_
_chem_comp.id
_chem_comp.type
_chem_comp.name
_chem_comp.formula
9JE non-polymer pentane-1,5-diol 'C5 H12 O2'
#
# COMPACT_ATOMS: atom_id res chain seq x y z
N ALA A 1 -17.40 -13.20 -13.19
CA ALA A 1 -18.51 -12.28 -12.95
C ALA A 1 -18.00 -10.93 -12.47
N ASN A 2 -16.98 -10.91 -11.60
CA ASN A 2 -16.28 -9.68 -11.28
C ASN A 2 -15.20 -9.48 -12.35
N PRO A 3 -15.34 -8.47 -13.20
CA PRO A 3 -14.38 -8.30 -14.31
C PRO A 3 -12.97 -8.00 -13.85
N TYR A 4 -12.77 -7.62 -12.58
CA TYR A 4 -11.45 -7.25 -12.06
C TYR A 4 -10.78 -8.38 -11.30
N GLN A 5 -11.48 -9.50 -11.12
CA GLN A 5 -10.93 -10.61 -10.35
C GLN A 5 -9.78 -11.27 -11.12
N ARG A 6 -8.68 -11.52 -10.41
CA ARG A 6 -7.51 -12.16 -11.02
C ARG A 6 -6.99 -13.26 -10.10
N GLY A 7 -6.45 -14.30 -10.72
CA GLY A 7 -5.71 -15.29 -10.00
C GLY A 7 -6.55 -16.35 -9.32
N PRO A 8 -5.89 -17.33 -8.72
CA PRO A 8 -6.60 -18.49 -8.18
C PRO A 8 -7.35 -18.17 -6.89
N ASP A 9 -8.30 -19.04 -6.55
CA ASP A 9 -8.98 -18.90 -5.28
C ASP A 9 -7.92 -18.92 -4.18
N PRO A 10 -7.91 -17.95 -3.26
CA PRO A 10 -6.77 -17.76 -2.37
C PRO A 10 -6.76 -18.64 -1.13
N THR A 11 -5.55 -18.89 -0.64
CA THR A 11 -5.34 -19.61 0.62
C THR A 11 -4.24 -18.89 1.41
N GLU A 12 -4.16 -19.25 2.69
CA GLU A 12 -3.12 -18.73 3.56
C GLU A 12 -1.73 -18.96 2.96
N SER A 13 -1.52 -20.16 2.39
CA SER A 13 -0.21 -20.48 1.84
C SER A 13 0.12 -19.64 0.62
N LEU A 14 -0.87 -19.39 -0.24
CA LEU A 14 -0.64 -18.54 -1.40
C LEU A 14 -0.20 -17.15 -0.97
N LEU A 15 -0.80 -16.63 0.10
CA LEU A 15 -0.50 -15.28 0.56
C LEU A 15 0.86 -15.19 1.23
N ARG A 16 1.31 -16.27 1.86
CA ARG A 16 2.55 -16.23 2.62
C ARG A 16 3.79 -16.58 1.78
N ALA A 17 3.60 -17.09 0.56
CA ALA A 17 4.73 -17.44 -0.29
C ALA A 17 5.49 -16.19 -0.74
N ALA A 18 6.75 -16.39 -1.10
CA ALA A 18 7.61 -15.26 -1.46
C ALA A 18 7.09 -14.53 -2.70
N ARG A 19 6.43 -15.26 -3.61
CA ARG A 19 5.82 -14.67 -4.80
C ARG A 19 4.42 -15.21 -4.95
N GLY A 20 3.53 -14.37 -5.46
CA GLY A 20 2.24 -14.79 -5.93
C GLY A 20 2.35 -15.46 -7.29
N PRO A 21 1.19 -15.65 -7.94
CA PRO A 21 1.14 -16.53 -9.12
C PRO A 21 1.55 -15.91 -10.45
N PHE A 22 1.94 -14.63 -10.51
CA PHE A 22 2.34 -13.99 -11.77
C PHE A 22 3.84 -13.72 -11.80
N ALA A 23 4.47 -14.10 -12.91
CA ALA A 23 5.82 -13.64 -13.20
C ALA A 23 5.82 -12.11 -13.31
N VAL A 24 6.92 -11.51 -12.88
CA VAL A 24 7.03 -10.05 -12.75
C VAL A 24 8.10 -9.52 -13.68
N SER A 25 7.76 -8.44 -14.39
CA SER A 25 8.71 -7.65 -15.16
C SER A 25 8.92 -6.32 -14.45
N GLU A 26 10.01 -5.63 -14.80
CA GLU A 26 10.38 -4.40 -14.11
C GLU A 26 10.88 -3.37 -15.11
N GLN A 27 10.67 -2.10 -14.77
CA GLN A 27 11.18 -1.00 -15.59
C GLN A 27 11.68 0.12 -14.67
N SER A 28 12.91 0.55 -14.88
CA SER A 28 13.45 1.71 -14.17
C SER A 28 12.84 3.01 -14.71
N VAL A 29 12.61 3.96 -13.80
CA VAL A 29 12.19 5.31 -14.16
C VAL A 29 13.26 6.27 -13.66
N SER A 30 14.05 6.83 -14.57
CA SER A 30 15.15 7.71 -14.19
C SER A 30 14.61 9.03 -13.65
N ARG A 31 15.31 9.54 -12.63
CA ARG A 31 15.01 10.87 -12.12
C ARG A 31 15.09 11.91 -13.23
N LEU A 32 15.91 11.67 -14.27
CA LEU A 32 16.06 12.61 -15.37
C LEU A 32 14.81 12.70 -16.24
N SER A 33 13.90 11.72 -16.14
CA SER A 33 12.80 11.53 -17.09
C SER A 33 11.43 12.01 -16.59
N VAL A 34 11.32 12.40 -15.32
CA VAL A 34 10.03 12.77 -14.75
C VAL A 34 10.19 13.97 -13.84
N SER A 35 9.08 14.69 -13.69
CA SER A 35 8.93 15.77 -12.73
C SER A 35 7.80 15.40 -11.76
N GLY A 36 7.84 15.99 -10.58
CA GLY A 36 6.82 15.75 -9.59
C GLY A 36 7.12 14.61 -8.63
N PHE A 37 8.15 13.81 -8.91
CA PHE A 37 8.68 12.80 -8.01
C PHE A 37 10.07 12.46 -8.52
N GLY A 38 10.79 11.63 -7.77
CA GLY A 38 12.19 11.41 -8.05
C GLY A 38 12.49 10.21 -8.93
N GLY A 39 11.54 9.77 -9.72
CA GLY A 39 11.69 8.53 -10.45
C GLY A 39 11.42 7.35 -9.53
N GLY A 40 11.91 6.18 -9.92
CA GLY A 40 11.65 4.99 -9.12
C GLY A 40 11.71 3.74 -9.99
N ARG A 41 10.89 2.77 -9.63
CA ARG A 41 10.87 1.50 -10.34
C ARG A 41 9.44 0.99 -10.46
N ILE A 42 9.09 0.49 -11.63
CA ILE A 42 7.78 -0.09 -11.90
C ILE A 42 7.92 -1.61 -11.96
N TYR A 43 7.02 -2.31 -11.29
CA TYR A 43 6.95 -3.76 -11.29
C TYR A 43 5.56 -4.14 -11.78
N TYR A 44 5.47 -5.14 -12.66
CA TYR A 44 4.16 -5.44 -13.25
C TYR A 44 4.11 -6.90 -13.67
N PRO A 45 2.93 -7.52 -13.67
CA PRO A 45 2.83 -8.89 -14.16
C PRO A 45 3.17 -8.92 -15.64
N THR A 46 4.04 -9.85 -16.03
CA THR A 46 4.41 -9.93 -17.45
C THR A 46 3.19 -10.20 -18.32
N THR A 47 2.30 -11.07 -17.87
CA THR A 47 1.21 -11.49 -18.74
C THR A 47 0.12 -10.41 -18.86
N THR A 48 -0.40 -10.29 -20.07
CA THR A 48 -1.53 -9.41 -20.36
C THR A 48 -2.79 -10.20 -20.68
N SER A 49 -2.69 -11.53 -20.72
CA SER A 49 -3.81 -12.32 -21.19
C SER A 49 -4.99 -12.36 -20.23
N GLN A 50 -4.76 -12.04 -18.95
CA GLN A 50 -5.82 -12.09 -17.95
C GLN A 50 -6.46 -10.72 -17.70
N GLY A 51 -6.08 -9.71 -18.48
CA GLY A 51 -6.66 -8.39 -18.36
C GLY A 51 -5.68 -7.38 -17.75
N THR A 52 -6.16 -6.15 -17.66
CA THR A 52 -5.41 -5.10 -17.00
C THR A 52 -5.46 -5.28 -15.48
N PHE A 53 -4.58 -4.55 -14.79
CA PHE A 53 -4.46 -4.66 -13.34
C PHE A 53 -4.57 -3.28 -12.71
N GLY A 54 -5.04 -3.25 -11.46
CA GLY A 54 -4.94 -2.04 -10.67
C GLY A 54 -3.49 -1.75 -10.31
N ALA A 55 -3.27 -0.53 -9.81
CA ALA A 55 -1.91 -0.08 -9.54
C ALA A 55 -1.80 0.56 -8.18
N ILE A 56 -0.58 0.52 -7.62
CA ILE A 56 -0.30 1.13 -6.33
C ILE A 56 1.03 1.87 -6.41
N ALA A 57 1.06 3.10 -5.88
CA ALA A 57 2.29 3.86 -5.72
C ALA A 57 2.71 3.77 -4.26
N ILE A 58 4.00 3.56 -4.03
CA ILE A 58 4.54 3.32 -2.70
C ILE A 58 5.73 4.24 -2.42
N SER A 59 5.68 4.93 -1.28
CA SER A 59 6.72 5.87 -0.87
C SER A 59 7.53 5.34 0.31
N PRO A 60 8.86 5.46 0.24
CA PRO A 60 9.69 5.23 1.44
C PRO A 60 9.55 6.38 2.43
N GLY A 61 10.27 6.26 3.55
CA GLY A 61 10.24 7.26 4.60
C GLY A 61 11.41 8.26 4.57
N PHE A 62 11.39 9.14 5.59
CA PHE A 62 12.39 10.19 5.76
C PHE A 62 13.77 9.55 5.80
N THR A 63 14.72 10.15 5.05
CA THR A 63 16.11 9.72 4.90
C THR A 63 16.28 8.53 3.96
N ALA A 64 15.21 7.91 3.48
CA ALA A 64 15.30 6.59 2.86
C ALA A 64 15.14 6.65 1.35
N SER A 65 15.67 5.62 0.70
CA SER A 65 15.46 5.37 -0.71
C SER A 65 14.44 4.24 -0.90
N TRP A 66 13.98 4.11 -2.14
CA TRP A 66 13.06 3.03 -2.48
C TRP A 66 13.63 1.67 -2.10
N SER A 67 14.95 1.51 -2.16
CA SER A 67 15.55 0.22 -1.80
C SER A 67 15.14 -0.25 -0.41
N SER A 68 14.83 0.68 0.51
CA SER A 68 14.38 0.31 1.84
C SER A 68 13.09 -0.51 1.84
N LEU A 69 12.31 -0.47 0.76
CA LEU A 69 11.05 -1.20 0.65
C LEU A 69 11.01 -2.12 -0.55
N ALA A 70 12.14 -2.31 -1.23
CA ALA A 70 12.10 -2.84 -2.60
C ALA A 70 11.50 -4.25 -2.67
N TRP A 71 11.65 -5.05 -1.61
CA TRP A 71 11.05 -6.38 -1.63
C TRP A 71 9.55 -6.35 -1.92
N LEU A 72 8.86 -5.24 -1.61
CA LEU A 72 7.43 -5.15 -1.88
C LEU A 72 7.13 -5.11 -3.37
N GLY A 73 8.05 -4.60 -4.19
CA GLY A 73 7.80 -4.46 -5.61
C GLY A 73 7.43 -5.77 -6.26
N PRO A 74 8.36 -6.71 -6.28
CA PRO A 74 8.05 -8.00 -6.90
C PRO A 74 7.01 -8.78 -6.12
N ARG A 75 7.00 -8.68 -4.79
CA ARG A 75 6.06 -9.47 -4.03
C ARG A 75 4.62 -9.05 -4.30
N LEU A 76 4.32 -7.74 -4.22
CA LEU A 76 2.96 -7.29 -4.51
C LEU A 76 2.62 -7.44 -5.99
N ALA A 77 3.54 -7.10 -6.88
CA ALA A 77 3.21 -7.20 -8.30
C ALA A 77 2.87 -8.63 -8.69
N SER A 78 3.54 -9.60 -8.09
CA SER A 78 3.34 -11.00 -8.46
C SER A 78 1.96 -11.50 -8.07
N HIS A 79 1.19 -10.76 -7.28
CA HIS A 79 -0.19 -11.12 -7.02
C HIS A 79 -1.16 -10.46 -8.00
N GLY A 80 -0.65 -9.71 -8.96
CA GLY A 80 -1.51 -9.14 -9.99
C GLY A 80 -1.78 -7.66 -9.76
N PHE A 81 -0.70 -6.87 -9.67
CA PHE A 81 -0.80 -5.43 -9.48
C PHE A 81 0.38 -4.79 -10.19
N VAL A 82 0.17 -3.59 -10.68
CA VAL A 82 1.29 -2.77 -11.14
C VAL A 82 1.74 -1.89 -9.97
N VAL A 83 3.02 -1.99 -9.60
CA VAL A 83 3.56 -1.23 -8.47
C VAL A 83 4.54 -0.21 -9.00
N ILE A 84 4.39 1.06 -8.60
CA ILE A 84 5.42 2.07 -8.84
C ILE A 84 5.97 2.47 -7.48
N GLY A 85 7.20 2.04 -7.21
CA GLY A 85 7.90 2.45 -5.99
C GLY A 85 8.71 3.67 -6.29
N ILE A 86 8.54 4.72 -5.48
CA ILE A 86 9.13 6.01 -5.84
C ILE A 86 10.38 6.30 -5.02
N GLU A 87 11.29 7.06 -5.65
CA GLU A 87 12.24 7.89 -4.93
C GLU A 87 11.59 9.26 -4.79
N THR A 88 11.82 9.92 -3.66
CA THR A 88 11.27 11.25 -3.47
C THR A 88 12.25 12.32 -4.01
N ASN A 89 11.70 13.52 -4.23
CA ASN A 89 12.52 14.62 -4.74
C ASN A 89 13.79 14.80 -3.92
N THR A 90 13.66 14.83 -2.59
CA THR A 90 14.81 14.70 -1.69
C THR A 90 14.44 13.72 -0.60
N ARG A 91 15.49 13.19 0.06
CA ARG A 91 15.27 12.25 1.15
C ARG A 91 14.57 12.88 2.34
N LEU A 92 14.56 14.21 2.42
CA LEU A 92 14.02 14.89 3.59
C LEU A 92 12.64 15.50 3.35
N ASP A 93 11.96 15.08 2.29
CA ASP A 93 10.63 15.62 2.02
C ASP A 93 9.67 15.21 3.13
N GLN A 94 8.73 16.10 3.43
CA GLN A 94 7.78 15.90 4.52
C GLN A 94 6.57 15.10 4.04
N PRO A 95 5.69 14.68 4.96
CA PRO A 95 4.55 13.84 4.54
C PRO A 95 3.66 14.47 3.48
N ASP A 96 3.31 15.75 3.62
CA ASP A 96 2.41 16.35 2.63
C ASP A 96 3.04 16.32 1.24
N SER A 97 4.34 16.59 1.14
CA SER A 97 5.04 16.51 -0.13
C SER A 97 5.05 15.08 -0.68
N ARG A 98 5.32 14.11 0.18
CA ARG A 98 5.30 12.72 -0.27
C ARG A 98 3.93 12.34 -0.84
N GLY A 99 2.85 12.86 -0.25
CA GLY A 99 1.51 12.58 -0.79
C GLY A 99 1.37 13.12 -2.20
N ARG A 100 1.79 14.37 -2.42
CA ARG A 100 1.73 14.94 -3.79
C ARG A 100 2.58 14.10 -4.77
N GLN A 101 3.70 13.59 -4.29
CA GLN A 101 4.60 12.80 -5.18
C GLN A 101 3.98 11.44 -5.52
N LEU A 102 3.31 10.81 -4.55
CA LEU A 102 2.61 9.57 -4.84
C LEU A 102 1.57 9.78 -5.93
N LEU A 103 0.80 10.86 -5.85
CA LEU A 103 -0.19 11.15 -6.88
C LEU A 103 0.47 11.46 -8.21
N ALA A 104 1.60 12.18 -8.19
CA ALA A 104 2.32 12.44 -9.44
C ALA A 104 2.80 11.14 -10.06
N ALA A 105 3.23 10.18 -9.24
CA ALA A 105 3.66 8.89 -9.77
C ALA A 105 2.50 8.12 -10.38
N LEU A 106 1.33 8.13 -9.75
CA LEU A 106 0.18 7.46 -10.34
C LEU A 106 -0.22 8.12 -11.65
N ASP A 107 -0.19 9.46 -11.71
CA ASP A 107 -0.51 10.17 -12.94
C ASP A 107 0.47 9.82 -14.04
N TYR A 108 1.76 9.79 -13.72
CA TYR A 108 2.74 9.40 -14.72
C TYR A 108 2.48 7.98 -15.21
N LEU A 109 2.24 7.06 -14.28
CA LEU A 109 2.03 5.65 -14.63
C LEU A 109 0.89 5.51 -15.63
N THR A 110 -0.22 6.17 -15.38
CA THR A 110 -1.42 6.01 -16.19
C THR A 110 -1.47 6.89 -17.41
N GLN A 111 -0.79 8.03 -17.40
CA GLN A 111 -0.90 9.00 -18.48
C GLN A 111 0.24 8.92 -19.48
N ARG A 112 1.42 8.52 -19.04
CA ARG A 112 2.60 8.71 -19.87
C ARG A 112 3.57 7.55 -19.85
N SER A 113 3.55 6.68 -18.84
CA SER A 113 4.51 5.60 -18.78
C SER A 113 4.31 4.60 -19.92
N SER A 114 5.36 3.83 -20.18
CA SER A 114 5.26 2.88 -21.28
C SER A 114 4.46 1.63 -20.90
N VAL A 115 4.04 1.49 -19.65
CA VAL A 115 3.17 0.38 -19.24
C VAL A 115 1.75 0.85 -18.97
N ARG A 116 1.40 2.07 -19.39
CA ARG A 116 0.09 2.61 -19.07
C ARG A 116 -1.04 1.72 -19.58
N ASN A 117 -0.85 1.05 -20.73
CA ASN A 117 -1.93 0.23 -21.26
C ASN A 117 -2.22 -1.00 -20.40
N ARG A 118 -1.28 -1.41 -19.55
CA ARG A 118 -1.49 -2.55 -18.66
C ARG A 118 -2.28 -2.18 -17.40
N VAL A 119 -2.45 -0.88 -17.13
CA VAL A 119 -3.02 -0.41 -15.86
C VAL A 119 -4.46 0.02 -16.08
N ASP A 120 -5.34 -0.40 -15.16
CA ASP A 120 -6.69 0.14 -15.12
C ASP A 120 -6.67 1.43 -14.31
N ALA A 121 -6.73 2.56 -15.00
CA ALA A 121 -6.59 3.88 -14.38
C ALA A 121 -7.71 4.21 -13.42
N SER A 122 -8.80 3.43 -13.40
CA SER A 122 -9.88 3.63 -12.44
C SER A 122 -9.65 2.92 -11.11
N ARG A 123 -8.56 2.16 -10.97
CA ARG A 123 -8.37 1.28 -9.80
C ARG A 123 -6.97 1.47 -9.28
N LEU A 124 -6.80 2.54 -8.50
CA LEU A 124 -5.48 2.99 -8.07
C LEU A 124 -5.42 3.03 -6.55
N ALA A 125 -4.20 3.01 -6.04
CA ALA A 125 -3.98 2.91 -4.61
C ALA A 125 -2.65 3.56 -4.24
N VAL A 126 -2.48 3.76 -2.94
CA VAL A 126 -1.27 4.32 -2.34
C VAL A 126 -0.86 3.56 -1.10
N ALA A 127 0.45 3.57 -0.84
CA ALA A 127 1.01 3.00 0.38
C ALA A 127 2.36 3.65 0.63
N GLY A 128 2.89 3.43 1.83
CA GLY A 128 4.18 4.01 2.14
C GLY A 128 4.55 3.80 3.59
N HIS A 129 5.85 3.94 3.88
CA HIS A 129 6.41 3.71 5.21
C HIS A 129 6.73 5.04 5.87
N SER A 130 6.34 5.18 7.15
CA SER A 130 6.85 6.27 7.99
C SER A 130 6.32 7.60 7.44
N MET A 131 7.17 8.59 7.13
CA MET A 131 6.63 9.78 6.48
C MET A 131 5.94 9.44 5.16
N GLY A 132 6.37 8.36 4.50
CA GLY A 132 5.65 7.89 3.32
C GLY A 132 4.27 7.36 3.64
N GLY A 133 4.09 6.83 4.86
CA GLY A 133 2.77 6.47 5.31
C GLY A 133 1.93 7.68 5.65
N GLY A 134 2.56 8.71 6.23
CA GLY A 134 1.87 9.98 6.37
C GLY A 134 1.45 10.54 5.03
N GLY A 135 2.32 10.42 4.03
CA GLY A 135 2.00 10.86 2.68
C GLY A 135 0.91 10.03 2.01
N THR A 136 0.80 8.75 2.38
CA THR A 136 -0.31 7.92 1.90
C THR A 136 -1.64 8.51 2.34
N LEU A 137 -1.73 8.93 3.59
CA LEU A 137 -2.94 9.58 4.08
C LEU A 137 -3.18 10.90 3.35
N GLU A 138 -2.14 11.70 3.15
CA GLU A 138 -2.30 12.95 2.41
C GLU A 138 -2.84 12.71 1.00
N ALA A 139 -2.30 11.70 0.30
CA ALA A 139 -2.77 11.39 -1.04
C ALA A 139 -4.24 10.98 -1.03
N ALA A 140 -4.63 10.13 -0.08
CA ALA A 140 -6.03 9.74 0.01
C ALA A 140 -6.93 10.92 0.36
N LYS A 141 -6.44 11.85 1.18
CA LYS A 141 -7.22 13.05 1.47
C LYS A 141 -7.45 13.88 0.20
N SER A 142 -6.47 13.93 -0.68
CA SER A 142 -6.54 14.75 -1.87
C SER A 142 -7.30 14.09 -3.02
N ARG A 143 -7.33 12.76 -3.07
CA ARG A 143 -7.86 12.02 -4.21
C ARG A 143 -8.80 10.95 -3.67
N THR A 144 -10.07 11.32 -3.46
CA THR A 144 -11.00 10.42 -2.79
C THR A 144 -11.43 9.26 -3.67
N SER A 145 -11.05 9.26 -4.95
CA SER A 145 -11.33 8.14 -5.83
C SER A 145 -10.35 6.99 -5.69
N LEU A 146 -9.26 7.15 -4.93
CA LEU A 146 -8.35 6.04 -4.70
C LEU A 146 -9.12 4.87 -4.09
N LYS A 147 -8.81 3.65 -4.54
CA LYS A 147 -9.56 2.48 -4.11
C LYS A 147 -9.00 1.83 -2.85
N ALA A 148 -7.72 2.05 -2.54
CA ALA A 148 -7.13 1.52 -1.31
C ALA A 148 -5.97 2.42 -0.89
N ALA A 149 -5.73 2.42 0.43
CA ALA A 149 -4.62 3.15 1.03
C ALA A 149 -4.06 2.31 2.16
N ILE A 150 -2.73 2.14 2.17
CA ILE A 150 -2.06 1.34 3.21
C ILE A 150 -0.89 2.10 3.83
N PRO A 151 -1.15 2.95 4.83
CA PRO A 151 -0.05 3.57 5.58
C PRO A 151 0.63 2.54 6.47
N ILE A 152 1.95 2.46 6.36
CA ILE A 152 2.76 1.45 7.06
C ILE A 152 3.66 2.17 8.05
N ALA A 153 3.47 1.88 9.36
CA ALA A 153 4.15 2.60 10.43
C ALA A 153 4.13 4.10 10.15
N PRO A 154 2.94 4.67 9.85
CA PRO A 154 2.89 6.05 9.37
C PRO A 154 3.30 7.06 10.43
N TRP A 155 3.93 8.13 9.94
CA TRP A 155 4.31 9.28 10.75
C TRP A 155 3.68 10.51 10.11
N ASN A 156 2.97 11.31 10.91
CA ASN A 156 2.40 12.56 10.43
C ASN A 156 2.01 13.40 11.64
N LEU A 157 2.35 14.70 11.61
CA LEU A 157 1.88 15.62 12.64
C LEU A 157 0.40 15.96 12.44
N ASP A 158 -0.14 15.81 11.23
CA ASP A 158 -1.59 15.91 11.02
C ASP A 158 -2.24 14.62 11.49
N LYS A 159 -3.08 14.72 12.51
CA LYS A 159 -3.62 13.54 13.18
C LYS A 159 -5.02 13.16 12.72
N THR A 160 -5.74 14.03 12.01
CA THR A 160 -7.11 13.75 11.63
C THR A 160 -7.31 13.76 10.12
N TRP A 161 -8.17 12.83 9.65
CA TRP A 161 -8.28 12.50 8.24
C TRP A 161 -9.75 12.37 7.83
N PRO A 162 -10.59 13.35 8.16
CA PRO A 162 -12.04 13.20 7.89
C PRO A 162 -12.38 13.18 6.40
N GLU A 163 -11.53 13.72 5.53
CA GLU A 163 -11.84 13.76 4.11
C GLU A 163 -11.67 12.41 3.44
N VAL A 164 -10.89 11.50 4.05
CA VAL A 164 -10.57 10.22 3.43
C VAL A 164 -11.83 9.38 3.28
N ARG A 165 -12.10 8.97 2.04
CA ARG A 165 -13.19 8.05 1.74
C ARG A 165 -12.68 6.66 1.38
N THR A 166 -11.40 6.56 1.05
CA THR A 166 -10.79 5.33 0.55
C THR A 166 -10.67 4.27 1.66
N PRO A 167 -10.97 3.00 1.36
CA PRO A 167 -10.68 1.90 2.29
C PRO A 167 -9.22 1.88 2.71
N THR A 168 -8.97 2.03 4.01
CA THR A 168 -7.63 2.27 4.52
C THR A 168 -7.24 1.24 5.57
N LEU A 169 -6.11 0.58 5.34
CA LEU A 169 -5.51 -0.36 6.27
C LEU A 169 -4.23 0.26 6.81
N ILE A 170 -4.19 0.54 8.11
CA ILE A 170 -2.99 1.05 8.77
C ILE A 170 -2.29 -0.14 9.43
N ILE A 171 -1.00 -0.31 9.13
CA ILE A 171 -0.20 -1.38 9.72
C ILE A 171 0.80 -0.72 10.66
N GLY A 172 0.67 -0.99 11.95
CA GLY A 172 1.53 -0.40 12.96
C GLY A 172 2.43 -1.42 13.61
N GLY A 173 3.54 -0.94 14.20
CA GLY A 173 4.41 -1.77 15.00
C GLY A 173 4.19 -1.48 16.47
N GLU A 174 3.83 -2.53 17.22
CA GLU A 174 3.48 -2.34 18.63
C GLU A 174 4.53 -1.51 19.38
N LEU A 175 5.81 -1.79 19.15
CA LEU A 175 6.89 -1.19 19.92
C LEU A 175 7.60 -0.06 19.17
N ASP A 176 6.95 0.51 18.16
CA ASP A 176 7.53 1.58 17.36
C ASP A 176 7.81 2.79 18.25
N SER A 177 9.06 3.23 18.29
CA SER A 177 9.44 4.39 19.09
C SER A 177 9.64 5.63 18.25
N ILE A 178 9.57 5.51 16.92
CA ILE A 178 9.77 6.63 16.01
C ILE A 178 8.44 7.24 15.59
N ALA A 179 7.47 6.40 15.24
CA ALA A 179 6.09 6.82 14.99
C ALA A 179 5.20 6.01 15.94
N PRO A 180 5.26 6.28 17.25
CA PRO A 180 4.55 5.42 18.19
C PRO A 180 3.07 5.30 17.83
N VAL A 181 2.54 4.09 17.92
CA VAL A 181 1.17 3.85 17.48
C VAL A 181 0.18 4.67 18.31
N ALA A 182 0.49 4.92 19.58
CA ALA A 182 -0.44 5.67 20.42
C ALA A 182 -0.59 7.12 19.99
N THR A 183 0.39 7.66 19.26
CA THR A 183 0.35 9.05 18.85
C THR A 183 0.25 9.26 17.35
N HIS A 184 0.48 8.21 16.55
CA HIS A 184 0.39 8.31 15.10
C HIS A 184 -0.68 7.33 14.60
N SER A 185 -0.34 6.05 14.38
CA SER A 185 -1.27 5.10 13.77
C SER A 185 -2.66 5.13 14.37
N ILE A 186 -2.78 4.99 15.69
CA ILE A 186 -4.10 4.80 16.29
C ILE A 186 -4.94 6.06 16.20
N PRO A 187 -4.42 7.25 16.56
CA PRO A 187 -5.18 8.47 16.26
C PRO A 187 -5.59 8.60 14.80
N PHE A 188 -4.69 8.31 13.85
CA PHE A 188 -5.10 8.34 12.45
C PHE A 188 -6.31 7.45 12.22
N TYR A 189 -6.21 6.20 12.70
CA TYR A 189 -7.26 5.22 12.48
C TYR A 189 -8.59 5.72 13.03
N ASN A 190 -8.59 6.22 14.27
CA ASN A 190 -9.84 6.67 14.86
C ASN A 190 -10.41 7.89 14.14
N SER A 191 -9.57 8.65 13.47
CA SER A 191 -10.01 9.86 12.77
C SER A 191 -10.62 9.60 11.40
N LEU A 192 -10.52 8.37 10.89
CA LEU A 192 -11.00 8.04 9.54
C LEU A 192 -12.51 7.80 9.56
N THR A 193 -13.23 8.87 9.93
CA THR A 193 -14.67 8.76 10.19
C THR A 193 -15.48 8.55 8.91
N ASN A 194 -14.91 8.84 7.75
CA ASN A 194 -15.64 8.75 6.49
C ASN A 194 -15.02 7.75 5.54
N ALA A 195 -14.01 7.00 5.97
CA ALA A 195 -13.46 5.95 5.13
C ALA A 195 -14.53 4.88 4.95
N ARG A 196 -14.71 4.41 3.70
CA ARG A 196 -15.78 3.44 3.46
C ARG A 196 -15.61 2.18 4.31
N GLU A 197 -14.37 1.71 4.46
CA GLU A 197 -14.01 0.63 5.36
C GLU A 197 -12.61 0.97 5.87
N LYS A 198 -12.22 0.38 6.99
CA LYS A 198 -10.86 0.59 7.49
C LYS A 198 -10.47 -0.57 8.38
N ALA A 199 -9.17 -0.69 8.62
CA ALA A 199 -8.66 -1.67 9.56
C ALA A 199 -7.33 -1.19 10.11
N TYR A 200 -7.00 -1.69 11.29
CA TYR A 200 -5.73 -1.43 11.95
C TYR A 200 -5.13 -2.77 12.30
N LEU A 201 -3.96 -3.06 11.75
CA LEU A 201 -3.20 -4.27 12.04
C LEU A 201 -1.96 -3.86 12.83
N GLU A 202 -1.85 -4.34 14.06
CA GLU A 202 -0.70 -4.06 14.91
C GLU A 202 0.17 -5.29 15.04
N LEU A 203 1.43 -5.17 14.66
CA LEU A 203 2.36 -6.30 14.67
C LEU A 203 3.05 -6.39 16.03
N ASN A 204 2.86 -7.53 16.67
CA ASN A 204 3.35 -7.78 18.03
C ASN A 204 4.86 -7.58 18.10
N ASN A 205 5.29 -6.79 19.09
CA ASN A 205 6.70 -6.59 19.43
C ASN A 205 7.52 -5.95 18.30
N ALA A 206 6.87 -5.37 17.29
CA ALA A 206 7.57 -4.87 16.11
C ALA A 206 8.05 -3.44 16.32
N SER A 207 9.21 -3.13 15.75
CA SER A 207 9.80 -1.82 15.74
C SER A 207 9.36 -1.03 14.50
N HIS A 208 9.81 0.22 14.42
CA HIS A 208 9.48 1.05 13.26
C HIS A 208 9.96 0.45 11.94
N PHE A 209 10.96 -0.43 11.98
CA PHE A 209 11.65 -0.90 10.79
C PHE A 209 11.16 -2.26 10.32
N PHE A 210 10.04 -2.73 10.83
CA PHE A 210 9.51 -4.00 10.34
C PHE A 210 9.36 -4.05 8.82
N PRO A 211 8.96 -2.99 8.10
CA PRO A 211 8.73 -3.17 6.66
C PRO A 211 9.99 -3.17 5.82
N GLN A 212 11.16 -3.00 6.42
CA GLN A 212 12.43 -3.07 5.69
CA GLN A 212 12.40 -3.05 5.65
C GLN A 212 12.86 -4.48 5.37
N PHE A 213 12.14 -5.45 5.90
CA PHE A 213 12.47 -6.89 5.73
C PHE A 213 11.20 -7.63 5.36
N SER A 214 11.31 -8.56 4.40
CA SER A 214 10.17 -9.38 4.04
C SER A 214 9.46 -9.88 5.29
N ASN A 215 8.16 -9.63 5.35
CA ASN A 215 7.34 -9.94 6.52
C ASN A 215 6.05 -10.55 5.99
N ASP A 216 5.88 -11.86 6.22
CA ASP A 216 4.78 -12.60 5.60
C ASP A 216 3.41 -12.15 6.10
N THR A 217 3.28 -11.87 7.40
CA THR A 217 2.00 -11.40 7.91
C THR A 217 1.64 -10.02 7.38
N MET A 218 2.61 -9.10 7.37
CA MET A 218 2.39 -7.81 6.74
C MET A 218 1.92 -7.98 5.30
N ALA A 219 2.67 -8.78 4.53
CA ALA A 219 2.32 -8.96 3.12
C ALA A 219 0.94 -9.58 2.96
N LYS A 220 0.61 -10.60 3.77
CA LYS A 220 -0.70 -11.22 3.69
C LYS A 220 -1.82 -10.20 3.77
N PHE A 221 -1.75 -9.32 4.77
CA PHE A 221 -2.84 -8.37 4.95
C PHE A 221 -2.81 -7.26 3.91
N MET A 222 -1.62 -6.84 3.50
CA MET A 222 -1.55 -5.81 2.42
C MET A 222 -2.18 -6.41 1.14
N ILE A 223 -1.76 -7.63 0.76
CA ILE A 223 -2.29 -8.24 -0.45
C ILE A 223 -3.79 -8.42 -0.33
N SER A 224 -4.27 -8.90 0.82
CA SER A 224 -5.70 -9.13 0.96
C SER A 224 -6.50 -7.84 0.85
N TRP A 225 -6.00 -6.76 1.46
CA TRP A 225 -6.68 -5.48 1.40
C TRP A 225 -6.68 -4.94 -0.03
N MET A 226 -5.53 -5.04 -0.70
CA MET A 226 -5.44 -4.63 -2.09
C MET A 226 -6.40 -5.41 -2.97
N LYS A 227 -6.43 -6.74 -2.83
CA LYS A 227 -7.36 -7.55 -3.62
C LYS A 227 -8.81 -7.13 -3.34
N ARG A 228 -9.16 -7.05 -2.06
CA ARG A 228 -10.54 -6.79 -1.70
C ARG A 228 -11.02 -5.46 -2.24
N PHE A 229 -10.17 -4.44 -2.19
CA PHE A 229 -10.63 -3.09 -2.46
C PHE A 229 -10.18 -2.53 -3.81
N ILE A 230 -8.97 -2.83 -4.27
CA ILE A 230 -8.59 -2.43 -5.63
C ILE A 230 -9.37 -3.25 -6.66
N ASP A 231 -9.47 -4.56 -6.43
CA ASP A 231 -10.09 -5.47 -7.39
C ASP A 231 -11.54 -5.83 -7.05
N ASP A 232 -12.09 -5.32 -5.95
CA ASP A 232 -13.42 -5.74 -5.49
C ASP A 232 -13.48 -7.24 -5.27
N ASP A 233 -12.35 -7.87 -4.95
CA ASP A 233 -12.26 -9.33 -4.94
C ASP A 233 -12.71 -9.83 -3.57
N THR A 234 -14.00 -10.14 -3.49
CA THR A 234 -14.60 -10.60 -2.23
C THR A 234 -14.05 -11.92 -1.76
N ARG A 235 -13.35 -12.67 -2.62
CA ARG A 235 -12.73 -13.92 -2.14
C ARG A 235 -11.73 -13.63 -1.03
N TYR A 236 -11.12 -12.44 -1.04
CA TYR A 236 -10.11 -12.11 -0.05
C TYR A 236 -10.71 -11.58 1.26
N ASP A 237 -12.02 -11.29 1.31
CA ASP A 237 -12.64 -11.04 2.62
C ASP A 237 -12.47 -12.12 3.65
N GLN A 238 -12.27 -13.37 3.22
CA GLN A 238 -12.14 -14.42 4.22
C GLN A 238 -11.00 -14.15 5.17
N PHE A 239 -9.99 -13.38 4.75
CA PHE A 239 -8.83 -13.09 5.60
C PHE A 239 -9.01 -11.84 6.44
N LEU A 240 -10.08 -11.08 6.18
CA LEU A 240 -10.27 -9.76 6.84
C LEU A 240 -11.47 -9.74 7.79
N CYS A 241 -12.49 -10.54 7.46
CA CYS A 241 -13.77 -10.55 8.23
C CYS A 241 -14.22 -12.02 8.38
N PRO A 242 -14.43 -12.53 9.61
CA PRO A 242 -14.15 -11.85 10.86
C PRO A 242 -12.66 -11.48 10.99
N PRO A 243 -12.33 -10.52 11.86
CA PRO A 243 -10.96 -10.12 12.01
C PRO A 243 -10.10 -11.27 12.58
N PRO A 244 -8.81 -11.29 12.29
CA PRO A 244 -7.94 -12.29 12.90
C PRO A 244 -7.85 -12.06 14.41
N ARG A 245 -7.61 -13.14 15.14
CA ARG A 245 -7.40 -13.00 16.57
C ARG A 245 -6.07 -12.30 16.84
N ALA A 246 -6.03 -11.54 17.93
CA ALA A 246 -4.81 -10.87 18.39
C ALA A 246 -4.02 -11.89 19.19
N ILE A 247 -3.23 -12.70 18.49
CA ILE A 247 -2.39 -13.73 19.10
C ILE A 247 -1.17 -13.87 18.21
N GLY A 248 -0.11 -14.47 18.76
CA GLY A 248 1.09 -14.64 17.95
C GLY A 248 1.62 -13.30 17.48
N ASP A 249 1.83 -13.17 16.18
CA ASP A 249 2.47 -11.97 15.66
C ASP A 249 1.52 -10.78 15.51
N ILE A 250 0.26 -10.90 15.91
CA ILE A 250 -0.69 -9.79 15.87
C ILE A 250 -1.02 -9.40 17.31
N SER A 251 -0.64 -8.19 17.70
CA SER A 251 -0.97 -7.70 19.03
C SER A 251 -2.31 -6.97 19.10
N ASP A 252 -2.83 -6.50 17.96
CA ASP A 252 -4.15 -5.88 17.92
C ASP A 252 -4.63 -5.89 16.48
N TYR A 253 -5.94 -5.96 16.34
CA TYR A 253 -6.59 -5.79 15.04
C TYR A 253 -7.92 -5.10 15.26
N ARG A 254 -8.16 -4.01 14.54
CA ARG A 254 -9.43 -3.30 14.59
C ARG A 254 -10.04 -3.30 13.20
N ASP A 255 -11.36 -3.37 13.13
CA ASP A 255 -12.03 -3.63 11.86
C ASP A 255 -13.35 -2.90 11.78
N THR A 256 -13.88 -2.87 10.55
CA THR A 256 -15.21 -2.37 10.25
C THR A 256 -16.05 -3.42 9.52
N CYS A 257 -15.82 -4.68 9.84
CA CYS A 257 -16.63 -5.76 9.25
C CYS A 257 -18.11 -5.53 9.59
N PRO A 258 -19.03 -5.87 8.66
CA PRO A 258 -18.80 -6.42 7.33
C PRO A 258 -18.39 -5.36 6.29
N HIS A 259 -17.64 -5.81 5.28
CA HIS A 259 -17.26 -4.98 4.15
C HIS A 259 -18.37 -5.09 3.12
C02 9JE B . 13.86 8.07 10.65
C03 9JE B . 13.02 7.48 9.55
C04 9JE B . 13.19 6.00 9.39
C05 9JE B . 12.29 5.41 8.34
C06 9JE B . 12.88 5.43 6.96
O01 9JE B . 13.68 9.48 10.73
O07 9JE B . 13.90 4.44 6.85
H1 9JE B . 14.80 7.87 10.49
H2 9JE B . 13.60 7.67 11.51
H3 9JE B . 13.27 7.92 8.70
H4 9JE B . 12.08 7.68 9.73
H5 9JE B . 12.99 5.56 10.26
H6 9JE B . 14.12 5.81 9.17
H7 9JE B . 11.45 5.91 8.33
H8 9JE B . 12.08 4.48 8.57
H9 9JE B . 13.24 6.31 6.75
H10 9JE B . 12.18 5.24 6.30
H11 9JE B . 13.97 9.82 10.01
H12 9JE B . 13.57 3.68 7.00
C02 9JE C . 11.29 14.59 13.23
C03 9JE C . 11.17 13.10 13.43
C04 9JE C . 10.77 12.34 12.19
C05 9JE C . 10.59 10.87 12.40
C06 9JE C . 10.04 10.16 11.19
O01 9JE C . 12.28 14.89 12.25
O07 9JE C . 10.88 10.32 10.05
H1 9JE C . 11.53 15.01 14.07
H2 9JE C . 10.43 14.95 12.93
H3 9JE C . 10.50 12.93 14.13
H4 9JE C . 12.02 12.75 13.76
H5 9JE C . 11.45 12.49 11.50
H6 9JE C . 9.92 12.72 11.85
H7 9JE C . 9.98 10.73 13.15
H8 9JE C . 11.45 10.48 12.64
H9 9JE C . 9.16 10.51 10.98
H10 9JE C . 9.96 9.20 11.38
H11 9JE C . 12.05 14.56 11.51
H12 9JE C . 11.63 9.95 10.21
#